data_1KS9
#
_entry.id   1KS9
#
_cell.length_a   103.732
_cell.length_b   103.732
_cell.length_c   55.737
_cell.angle_alpha   90.00
_cell.angle_beta   90.00
_cell.angle_gamma   90.00
#
_symmetry.space_group_name_H-M   'P 42 21 2'
#
loop_
_entity.id
_entity.type
_entity.pdbx_description
1 polymer '2-DEHYDROPANTOATE 2-REDUCTASE'
2 water water
#
_entity_poly.entity_id   1
_entity_poly.type   'polypeptide(L)'
_entity_poly.pdbx_seq_one_letter_code
;MKITVLGCGALGQLWLTALCKQGHEVQGWLRVPQPYCSVNLVETDGSIFNESLTANDPDFLATSDLLLVTLKAWQVSDAV
KSLASTLPVTTPILLIHNGMGTIEELQNIQQPLLMGTTTHAARRDGNVIIHVANGITHIGPARQQDGDYSYLADILQTVL
PDVAWHNNIRAELWRKLAVNCVINPLTAIWNCPNGELRHHPQEIMQICEEVAAVIEREGHHTSAEDLRDYVMQVIDATAE
NISSMLQDIRALRHTEIDYINGFLLRRARAHGIAVPENTRLFEMVKRKESE
;
_entity_poly.pdbx_strand_id   A
#
# COMPACT_ATOMS: atom_id res chain seq x y z
N MET A 1 24.15 1.61 -2.46
CA MET A 1 23.69 0.33 -3.08
C MET A 1 22.93 0.56 -4.38
N LYS A 2 22.53 -0.55 -5.00
CA LYS A 2 21.84 -0.53 -6.30
C LYS A 2 20.42 -0.97 -6.09
N ILE A 3 19.46 -0.06 -6.50
CA ILE A 3 18.07 -0.39 -6.15
C ILE A 3 17.23 -0.28 -7.44
N THR A 4 16.40 -1.27 -7.67
CA THR A 4 15.40 -1.13 -8.76
C THR A 4 14.06 -0.82 -8.12
N VAL A 5 13.44 0.30 -8.54
CA VAL A 5 12.12 0.69 -7.97
C VAL A 5 11.03 0.27 -8.97
N LEU A 6 10.12 -0.56 -8.54
CA LEU A 6 9.10 -1.10 -9.47
C LEU A 6 7.89 -0.19 -9.40
N GLY A 7 7.67 0.56 -10.48
CA GLY A 7 6.53 1.50 -10.53
C GLY A 7 7.08 2.92 -10.56
N CYS A 8 6.85 3.74 -11.56
CA CYS A 8 7.33 5.10 -11.61
C CYS A 8 6.16 6.07 -11.41
N GLY A 9 5.24 5.73 -10.51
CA GLY A 9 4.10 6.58 -10.21
C GLY A 9 4.39 7.49 -9.03
N ALA A 10 3.34 7.92 -8.27
CA ALA A 10 3.73 8.90 -7.19
C ALA A 10 4.68 8.38 -6.14
N LEU A 11 4.33 7.22 -5.52
CA LEU A 11 5.14 6.66 -4.46
C LEU A 11 6.50 6.20 -4.99
N GLY A 12 6.51 5.65 -6.21
CA GLY A 12 7.77 5.26 -6.80
C GLY A 12 8.71 6.41 -7.10
N GLN A 13 8.16 7.52 -7.63
CA GLN A 13 9.00 8.70 -7.85
C GLN A 13 9.43 9.29 -6.50
N LEU A 14 8.60 9.24 -5.46
CA LEU A 14 9.12 9.79 -4.16
C LEU A 14 10.31 8.98 -3.69
N TRP A 15 10.24 7.64 -3.81
CA TRP A 15 11.45 6.84 -3.44
C TRP A 15 12.65 6.98 -4.32
N LEU A 16 12.42 7.04 -5.64
CA LEU A 16 13.50 7.26 -6.62
C LEU A 16 14.21 8.60 -6.27
N THR A 17 13.43 9.67 -6.10
CA THR A 17 13.99 10.98 -5.71
C THR A 17 14.83 10.87 -4.44
N ALA A 18 14.29 10.22 -3.38
CA ALA A 18 15.07 10.17 -2.14
C ALA A 18 16.33 9.35 -2.24
N LEU A 19 16.23 8.23 -2.95
CA LEU A 19 17.41 7.37 -3.17
C LEU A 19 18.48 8.06 -4.02
N CYS A 20 17.95 8.79 -4.98
CA CYS A 20 18.72 9.57 -5.88
C CYS A 20 19.42 10.70 -5.17
N LYS A 21 18.95 11.33 -4.15
CA LYS A 21 19.60 12.40 -3.45
C LYS A 21 20.65 12.04 -2.39
N GLN A 22 20.79 10.85 -1.88
CA GLN A 22 21.66 10.07 -1.14
C GLN A 22 22.70 9.41 -2.05
N GLY A 23 22.68 9.56 -3.37
CA GLY A 23 23.80 9.01 -4.12
C GLY A 23 23.82 7.53 -4.45
N HIS A 24 22.66 6.88 -4.26
CA HIS A 24 22.53 5.47 -4.60
C HIS A 24 22.34 5.31 -6.08
N GLU A 25 22.70 4.16 -6.62
CA GLU A 25 22.56 3.84 -8.05
C GLU A 25 21.11 3.37 -8.13
N VAL A 26 20.30 3.94 -8.99
CA VAL A 26 18.89 3.57 -9.03
C VAL A 26 18.34 3.50 -10.46
N GLN A 27 17.34 2.66 -10.61
CA GLN A 27 16.60 2.59 -11.87
C GLN A 27 15.12 2.45 -11.45
N GLY A 28 14.23 2.86 -12.42
CA GLY A 28 12.80 2.51 -12.20
C GLY A 28 12.49 1.34 -13.16
N TRP A 29 11.29 0.82 -13.02
CA TRP A 29 10.81 -0.29 -13.86
C TRP A 29 9.33 0.00 -14.19
N LEU A 30 9.00 0.05 -15.48
CA LEU A 30 7.67 0.41 -15.96
C LEU A 30 6.95 -0.80 -16.56
N ARG A 31 5.62 -0.85 -16.43
CA ARG A 31 4.85 -1.95 -17.02
C ARG A 31 4.95 -1.87 -18.55
N VAL A 32 5.03 -0.68 -19.11
CA VAL A 32 5.24 -0.38 -20.51
C VAL A 32 6.71 0.09 -20.65
N PRO A 33 7.58 -0.83 -21.04
CA PRO A 33 9.00 -0.57 -21.12
C PRO A 33 9.39 0.67 -21.87
N GLN A 34 10.25 1.48 -21.24
CA GLN A 34 10.85 2.66 -21.77
C GLN A 34 12.26 2.64 -21.15
N PRO A 35 13.21 3.22 -21.84
CA PRO A 35 14.58 3.22 -21.37
C PRO A 35 14.80 4.16 -20.20
N TYR A 36 13.92 5.12 -19.89
CA TYR A 36 14.06 6.03 -18.80
C TYR A 36 12.73 6.32 -18.08
N CYS A 37 12.78 6.73 -16.82
CA CYS A 37 11.68 7.22 -16.04
C CYS A 37 11.90 8.71 -15.83
N SER A 38 11.03 9.59 -16.30
CA SER A 38 11.27 11.03 -16.14
C SER A 38 10.73 11.41 -14.76
N VAL A 39 11.57 11.70 -13.77
CA VAL A 39 11.06 12.14 -12.47
C VAL A 39 10.90 13.64 -12.34
N ASN A 40 9.76 14.05 -11.80
CA ASN A 40 9.50 15.48 -11.62
C ASN A 40 8.65 15.58 -10.36
N LEU A 41 9.32 15.78 -9.24
CA LEU A 41 8.60 15.83 -8.00
C LEU A 41 8.75 17.16 -7.27
N VAL A 42 7.67 17.63 -6.69
CA VAL A 42 7.68 18.84 -5.86
C VAL A 42 7.87 18.47 -4.40
N GLU A 43 8.92 18.96 -3.76
CA GLU A 43 9.19 18.74 -2.34
C GLU A 43 8.22 19.41 -1.41
N THR A 44 8.13 19.09 -0.09
CA THR A 44 7.15 19.66 0.80
C THR A 44 7.32 21.18 0.94
N ASP A 45 8.53 21.68 0.66
CA ASP A 45 8.65 23.17 0.77
C ASP A 45 8.33 23.82 -0.57
N GLY A 46 7.93 23.06 -1.59
CA GLY A 46 7.65 23.70 -2.89
C GLY A 46 8.83 23.62 -3.84
N SER A 47 9.98 23.15 -3.41
CA SER A 47 11.15 23.05 -4.25
C SER A 47 10.93 21.94 -5.28
N ILE A 48 11.60 22.09 -6.41
CA ILE A 48 11.42 21.00 -7.42
C ILE A 48 12.66 20.14 -7.43
N PHE A 49 12.57 18.90 -7.82
CA PHE A 49 13.54 17.88 -8.15
C PHE A 49 13.11 17.29 -9.52
N ASN A 50 14.05 17.25 -10.49
CA ASN A 50 13.71 16.80 -11.84
C ASN A 50 14.91 16.24 -12.52
N GLU A 51 14.88 14.92 -12.69
CA GLU A 51 15.94 14.14 -13.30
C GLU A 51 15.34 13.04 -14.14
N SER A 52 16.15 12.55 -15.09
CA SER A 52 15.85 11.41 -15.94
C SER A 52 16.60 10.15 -15.51
N LEU A 53 15.92 9.13 -15.00
CA LEU A 53 16.63 7.94 -14.54
C LEU A 53 16.51 6.74 -15.47
N THR A 54 17.49 5.84 -15.37
CA THR A 54 17.50 4.59 -16.11
C THR A 54 16.24 3.79 -15.78
N ALA A 55 15.59 3.14 -16.72
CA ALA A 55 14.45 2.27 -16.43
C ALA A 55 14.53 1.01 -17.25
N ASN A 56 14.04 -0.10 -16.73
CA ASN A 56 13.86 -1.35 -17.43
C ASN A 56 15.10 -1.97 -18.04
N ASP A 57 16.22 -1.81 -17.39
CA ASP A 57 17.51 -2.39 -17.73
C ASP A 57 17.64 -3.71 -16.97
N PRO A 58 17.55 -4.86 -17.69
CA PRO A 58 17.65 -6.18 -17.14
C PRO A 58 19.01 -6.49 -16.48
N ASP A 59 20.07 -5.89 -16.97
CA ASP A 59 21.40 -6.13 -16.37
C ASP A 59 21.50 -5.40 -15.03
N PHE A 60 20.91 -4.23 -14.90
CA PHE A 60 20.90 -3.45 -13.66
C PHE A 60 19.98 -4.17 -12.65
N LEU A 61 18.85 -4.75 -13.16
CA LEU A 61 18.02 -5.56 -12.28
C LEU A 61 18.73 -6.79 -11.74
N ALA A 62 19.53 -7.47 -12.63
CA ALA A 62 20.24 -8.67 -12.23
C ALA A 62 21.39 -8.38 -11.25
N THR A 63 21.78 -7.13 -11.03
CA THR A 63 22.80 -6.79 -10.04
C THR A 63 22.33 -5.85 -8.95
N SER A 64 21.02 -5.74 -8.76
CA SER A 64 20.42 -4.91 -7.74
C SER A 64 20.44 -5.58 -6.35
N ASP A 65 20.62 -4.74 -5.33
CA ASP A 65 20.69 -5.07 -3.94
C ASP A 65 19.41 -4.88 -3.17
N LEU A 66 18.41 -4.33 -3.89
CA LEU A 66 17.05 -4.20 -3.30
C LEU A 66 16.05 -3.97 -4.43
N LEU A 67 14.93 -4.65 -4.38
CA LEU A 67 13.80 -4.45 -5.33
C LEU A 67 12.75 -3.77 -4.44
N LEU A 68 12.46 -2.48 -4.71
CA LEU A 68 11.49 -1.76 -3.86
C LEU A 68 10.16 -1.64 -4.66
N VAL A 69 9.06 -2.20 -4.21
CA VAL A 69 7.83 -2.18 -5.06
C VAL A 69 6.78 -1.22 -4.53
N THR A 70 6.32 -0.43 -5.55
CA THR A 70 5.44 0.70 -5.15
C THR A 70 4.24 0.70 -6.06
N LEU A 71 3.84 -0.48 -6.50
CA LEU A 71 2.59 -0.56 -7.30
C LEU A 71 1.35 -0.66 -6.47
N LYS A 72 0.13 -0.49 -7.09
CA LYS A 72 -1.09 -0.72 -6.34
C LYS A 72 -1.19 -2.24 -6.08
N ALA A 73 -1.93 -2.57 -5.05
CA ALA A 73 -1.95 -3.95 -4.57
C ALA A 73 -2.32 -5.00 -5.62
N TRP A 74 -3.30 -4.71 -6.45
CA TRP A 74 -3.73 -5.74 -7.44
C TRP A 74 -2.75 -5.99 -8.54
N GLN A 75 -1.70 -5.17 -8.67
CA GLN A 75 -0.66 -5.26 -9.66
C GLN A 75 0.55 -6.01 -9.08
N VAL A 76 0.78 -5.94 -7.81
CA VAL A 76 2.00 -6.45 -7.23
C VAL A 76 2.41 -7.87 -7.57
N SER A 77 1.63 -8.85 -7.24
CA SER A 77 2.18 -10.23 -7.30
C SER A 77 2.60 -10.65 -8.69
N ASP A 78 1.84 -10.30 -9.74
CA ASP A 78 2.26 -10.63 -11.11
C ASP A 78 3.55 -9.94 -11.52
N ALA A 79 3.69 -8.64 -11.21
CA ALA A 79 4.87 -7.90 -11.61
C ALA A 79 6.12 -8.43 -10.84
N VAL A 80 6.01 -8.71 -9.56
CA VAL A 80 7.13 -9.26 -8.80
C VAL A 80 7.50 -10.63 -9.39
N LYS A 81 6.52 -11.49 -9.66
CA LYS A 81 6.89 -12.86 -10.20
C LYS A 81 7.63 -12.70 -11.51
N SER A 82 7.29 -11.74 -12.39
CA SER A 82 7.92 -11.50 -13.64
C SER A 82 9.42 -11.16 -13.50
N LEU A 83 9.78 -10.43 -12.46
CA LEU A 83 11.18 -10.02 -12.28
C LEU A 83 11.98 -10.92 -11.39
N ALA A 84 11.39 -11.83 -10.62
CA ALA A 84 12.10 -12.60 -9.65
C ALA A 84 13.10 -13.60 -10.22
N SER A 85 12.90 -14.06 -11.46
CA SER A 85 13.94 -14.97 -11.99
C SER A 85 15.18 -14.27 -12.42
N THR A 86 15.15 -12.93 -12.62
CA THR A 86 16.25 -12.10 -13.05
C THR A 86 16.94 -11.42 -11.86
N LEU A 87 16.14 -10.98 -10.90
CA LEU A 87 16.77 -10.32 -9.70
C LEU A 87 17.58 -11.39 -8.98
N PRO A 88 18.69 -11.09 -8.33
CA PRO A 88 19.38 -12.13 -7.59
C PRO A 88 18.55 -12.76 -6.54
N VAL A 89 18.63 -14.11 -6.38
CA VAL A 89 17.90 -14.88 -5.41
C VAL A 89 18.28 -14.64 -3.95
N THR A 90 19.12 -13.65 -3.73
CA THR A 90 19.67 -13.26 -2.45
C THR A 90 19.17 -11.85 -2.15
N THR A 91 18.66 -11.18 -3.16
CA THR A 91 18.28 -9.80 -2.99
C THR A 91 16.89 -9.61 -2.38
N PRO A 92 16.75 -8.82 -1.33
CA PRO A 92 15.47 -8.56 -0.68
C PRO A 92 14.48 -7.74 -1.52
N ILE A 93 13.21 -8.15 -1.44
CA ILE A 93 12.09 -7.46 -2.10
C ILE A 93 11.22 -6.81 -1.03
N LEU A 94 11.05 -5.48 -1.11
CA LEU A 94 10.18 -4.80 -0.16
C LEU A 94 8.90 -4.33 -0.83
N LEU A 95 7.76 -4.73 -0.25
CA LEU A 95 6.51 -4.29 -0.88
C LEU A 95 5.93 -3.12 -0.09
N ILE A 96 5.67 -1.96 -0.74
CA ILE A 96 4.99 -0.90 0.01
C ILE A 96 3.62 -0.61 -0.66
N HIS A 97 2.55 -0.90 0.06
CA HIS A 97 1.21 -0.62 -0.52
C HIS A 97 0.13 -0.67 0.54
N ASN A 98 -1.08 -0.16 0.17
CA ASN A 98 -2.16 -0.25 1.16
C ASN A 98 -2.88 -1.58 0.94
N GLY A 99 -3.64 -2.06 1.90
CA GLY A 99 -4.24 -3.39 1.70
C GLY A 99 -3.28 -4.56 1.99
N MET A 100 -3.95 -5.72 2.06
CA MET A 100 -3.27 -6.98 2.42
C MET A 100 -3.75 -8.11 1.49
N GLY A 101 -2.87 -9.13 1.39
CA GLY A 101 -3.17 -10.28 0.56
C GLY A 101 -2.18 -10.55 -0.57
N THR A 102 -1.11 -9.78 -0.64
CA THR A 102 -0.12 -9.95 -1.73
C THR A 102 0.87 -11.03 -1.25
N ILE A 103 1.10 -11.12 0.07
CA ILE A 103 2.06 -12.12 0.57
C ILE A 103 1.59 -13.55 0.29
N GLU A 104 0.28 -13.76 0.42
CA GLU A 104 -0.29 -15.08 0.08
C GLU A 104 -0.08 -15.43 -1.37
N GLU A 105 -0.07 -14.47 -2.28
CA GLU A 105 0.17 -14.63 -3.69
C GLU A 105 1.66 -14.83 -4.02
N LEU A 106 2.53 -14.53 -3.07
CA LEU A 106 3.98 -14.61 -3.27
C LEU A 106 4.67 -15.59 -2.35
N GLN A 107 3.97 -16.63 -1.84
CA GLN A 107 4.56 -17.53 -0.88
C GLN A 107 5.70 -18.42 -1.41
N ASN A 108 5.82 -18.58 -2.72
CA ASN A 108 6.93 -19.43 -3.18
C ASN A 108 8.14 -18.61 -3.62
N ILE A 109 8.09 -17.29 -3.44
CA ILE A 109 9.23 -16.44 -3.78
C ILE A 109 10.45 -16.88 -2.97
N GLN A 110 11.57 -17.08 -3.66
CA GLN A 110 12.78 -17.49 -2.97
C GLN A 110 13.50 -16.37 -2.24
N GLN A 111 13.44 -15.16 -2.84
CA GLN A 111 14.11 -14.02 -2.17
C GLN A 111 13.49 -13.69 -0.84
N PRO A 112 14.21 -12.94 0.02
CA PRO A 112 13.75 -12.37 1.25
C PRO A 112 12.60 -11.39 0.87
N LEU A 113 11.52 -11.49 1.57
CA LEU A 113 10.34 -10.64 1.29
C LEU A 113 9.96 -9.93 2.53
N LEU A 114 9.74 -8.57 2.36
CA LEU A 114 9.38 -7.70 3.42
C LEU A 114 8.08 -6.91 3.03
N MET A 115 7.30 -6.67 4.03
CA MET A 115 6.01 -6.04 3.69
C MET A 115 5.99 -4.68 4.42
N GLY A 116 5.25 -3.69 3.89
CA GLY A 116 5.30 -2.36 4.49
C GLY A 116 4.19 -1.43 3.96
N THR A 117 4.07 -0.35 4.73
CA THR A 117 3.01 0.63 4.34
C THR A 117 3.49 1.98 4.84
N THR A 118 2.99 3.06 4.19
CA THR A 118 3.51 4.37 4.56
C THR A 118 2.38 5.35 4.85
N THR A 119 2.72 6.39 5.59
CA THR A 119 1.77 7.46 5.84
C THR A 119 2.32 8.72 5.14
N HIS A 120 3.40 8.53 4.37
CA HIS A 120 3.82 9.63 3.50
C HIS A 120 2.67 9.81 2.53
N ALA A 121 2.48 11.02 1.99
CA ALA A 121 1.40 11.31 1.05
C ALA A 121 1.99 11.97 -0.22
N ALA A 122 1.77 11.36 -1.33
CA ALA A 122 2.28 11.76 -2.63
C ALA A 122 1.17 11.68 -3.67
N ARG A 123 0.90 12.80 -4.34
CA ARG A 123 -0.16 12.91 -5.34
C ARG A 123 0.36 13.08 -6.76
N ARG A 124 -0.29 12.44 -7.75
CA ARG A 124 0.17 12.60 -9.12
C ARG A 124 -0.82 13.50 -9.86
N ASP A 125 -0.30 14.62 -10.38
CA ASP A 125 -1.08 15.53 -11.22
C ASP A 125 -0.51 15.51 -12.63
N GLY A 126 -1.01 14.60 -13.50
CA GLY A 126 -0.45 14.46 -14.85
C GLY A 126 0.96 13.84 -14.73
N ASN A 127 1.99 14.55 -15.17
CA ASN A 127 3.36 14.12 -15.12
C ASN A 127 4.08 14.80 -13.95
N VAL A 128 3.28 15.47 -13.13
CA VAL A 128 3.89 16.10 -11.91
C VAL A 128 3.57 15.30 -10.67
N ILE A 129 4.53 15.01 -9.79
CA ILE A 129 4.26 14.33 -8.54
C ILE A 129 4.44 15.33 -7.43
N ILE A 130 3.53 15.41 -6.50
CA ILE A 130 3.62 16.34 -5.37
C ILE A 130 3.79 15.56 -4.07
N HIS A 131 4.90 15.85 -3.38
CA HIS A 131 5.09 15.25 -2.05
C HIS A 131 4.25 16.11 -1.10
N VAL A 132 3.04 15.67 -0.79
CA VAL A 132 2.10 16.42 0.01
C VAL A 132 2.45 16.45 1.50
N ALA A 133 2.82 15.30 2.09
CA ALA A 133 3.23 15.29 3.47
C ALA A 133 4.24 14.16 3.79
N ASN A 134 5.06 14.53 4.80
CA ASN A 134 6.07 13.60 5.29
C ASN A 134 5.37 12.63 6.21
N GLY A 135 6.00 11.52 6.57
CA GLY A 135 5.30 10.55 7.45
C GLY A 135 6.27 9.43 7.77
N ILE A 136 5.71 8.27 8.11
CA ILE A 136 6.51 7.12 8.56
C ILE A 136 6.21 5.90 7.69
N THR A 137 7.24 5.13 7.42
CA THR A 137 7.06 3.91 6.63
C THR A 137 7.36 2.73 7.59
N HIS A 138 6.33 1.90 7.77
CA HIS A 138 6.54 0.78 8.70
C HIS A 138 6.85 -0.47 7.89
N ILE A 139 7.92 -1.20 8.17
CA ILE A 139 8.20 -2.40 7.36
C ILE A 139 8.47 -3.58 8.29
N GLY A 140 8.49 -4.79 7.78
CA GLY A 140 8.77 -5.97 8.60
C GLY A 140 8.72 -7.21 7.73
N PRO A 141 8.98 -8.39 8.37
CA PRO A 141 9.10 -9.59 7.63
C PRO A 141 7.79 -10.20 7.17
N ALA A 142 7.71 -10.60 5.92
CA ALA A 142 6.48 -11.21 5.38
C ALA A 142 6.26 -12.60 5.95
N ARG A 143 7.33 -13.39 6.02
CA ARG A 143 7.21 -14.77 6.51
C ARG A 143 8.20 -14.98 7.63
N GLN A 144 8.19 -16.20 8.24
CA GLN A 144 9.15 -16.46 9.32
C GLN A 144 10.58 -16.41 8.90
N GLN A 145 10.83 -16.86 7.67
CA GLN A 145 12.13 -16.86 7.05
C GLN A 145 12.67 -15.51 6.59
N ASP A 146 11.92 -14.40 6.74
CA ASP A 146 12.48 -13.08 6.37
C ASP A 146 12.89 -12.20 7.51
N GLY A 147 12.92 -12.71 8.74
CA GLY A 147 13.13 -11.93 9.92
C GLY A 147 14.51 -11.35 10.10
N ASP A 148 15.55 -11.71 9.31
CA ASP A 148 16.89 -11.18 9.61
C ASP A 148 17.23 -9.92 8.78
N TYR A 149 16.20 -9.26 8.23
CA TYR A 149 16.49 -8.16 7.29
C TYR A 149 16.17 -6.79 7.80
N SER A 150 16.25 -6.61 9.12
CA SER A 150 15.99 -5.34 9.82
C SER A 150 17.00 -4.26 9.47
N TYR A 151 18.21 -4.67 8.93
CA TYR A 151 19.12 -3.68 8.45
C TYR A 151 18.53 -2.76 7.37
N LEU A 152 17.62 -3.25 6.51
CA LEU A 152 17.01 -2.35 5.55
C LEU A 152 16.30 -1.17 6.20
N ALA A 153 15.72 -1.28 7.41
CA ALA A 153 15.05 -0.12 7.98
C ALA A 153 16.07 0.95 8.44
N ASP A 154 17.28 0.50 8.85
CA ASP A 154 18.30 1.51 9.10
C ASP A 154 18.76 2.19 7.82
N ILE A 155 18.98 1.46 6.71
CA ILE A 155 19.46 2.16 5.51
C ILE A 155 18.37 3.16 5.04
N LEU A 156 17.13 2.61 4.91
CA LEU A 156 16.01 3.44 4.42
C LEU A 156 15.74 4.66 5.30
N GLN A 157 15.97 4.60 6.61
CA GLN A 157 15.79 5.76 7.47
C GLN A 157 16.65 6.92 6.92
N THR A 158 17.89 6.63 6.54
CA THR A 158 18.77 7.64 5.98
C THR A 158 18.31 8.26 4.68
N VAL A 159 17.40 7.60 3.93
CA VAL A 159 16.95 8.04 2.64
C VAL A 159 15.65 8.79 2.68
N LEU A 160 14.61 8.35 3.40
CA LEU A 160 13.32 8.97 3.49
C LEU A 160 12.78 8.79 4.89
N PRO A 161 13.26 9.65 5.81
CA PRO A 161 12.79 9.56 7.21
C PRO A 161 11.29 9.55 7.27
N ASP A 162 10.60 8.92 8.22
CA ASP A 162 11.18 8.01 9.20
C ASP A 162 10.82 6.57 8.76
N VAL A 163 11.62 5.56 9.13
CA VAL A 163 11.28 4.19 8.78
C VAL A 163 11.34 3.35 10.07
N ALA A 164 10.41 2.47 10.31
CA ALA A 164 10.47 1.64 11.53
C ALA A 164 10.33 0.16 11.18
N TRP A 165 11.14 -0.70 11.78
CA TRP A 165 11.01 -2.14 11.63
C TRP A 165 10.07 -2.71 12.71
N HIS A 166 9.17 -3.56 12.31
CA HIS A 166 8.28 -4.26 13.24
C HIS A 166 8.44 -5.76 13.03
N ASN A 167 8.71 -6.49 14.12
CA ASN A 167 8.77 -7.95 13.93
C ASN A 167 7.43 -8.56 13.54
N ASN A 168 6.33 -7.95 13.93
CA ASN A 168 4.97 -8.38 13.61
C ASN A 168 4.26 -7.20 12.93
N ILE A 169 4.64 -6.98 11.68
CA ILE A 169 4.16 -5.88 10.87
C ILE A 169 2.65 -6.01 10.56
N ARG A 170 2.12 -7.24 10.55
CA ARG A 170 0.67 -7.41 10.31
C ARG A 170 -0.18 -6.65 11.33
N ALA A 171 0.24 -6.46 12.57
CA ALA A 171 -0.52 -5.67 13.53
C ALA A 171 -0.78 -4.26 13.02
N GLU A 172 0.29 -3.57 12.54
CA GLU A 172 0.08 -2.23 11.99
C GLU A 172 -0.71 -2.26 10.67
N LEU A 173 -0.47 -3.26 9.81
CA LEU A 173 -1.25 -3.36 8.58
C LEU A 173 -2.74 -3.49 8.91
N TRP A 174 -3.10 -4.37 9.86
CA TRP A 174 -4.57 -4.47 10.15
C TRP A 174 -5.18 -3.21 10.71
N ARG A 175 -4.43 -2.38 11.44
CA ARG A 175 -4.99 -1.18 12.03
C ARG A 175 -5.45 -0.27 10.88
N LYS A 176 -4.57 -0.09 9.89
CA LYS A 176 -4.99 0.71 8.74
C LYS A 176 -6.05 0.06 7.88
N LEU A 177 -5.93 -1.25 7.60
CA LEU A 177 -6.98 -1.93 6.78
C LEU A 177 -8.32 -1.95 7.52
N ALA A 178 -8.37 -2.01 8.83
CA ALA A 178 -9.69 -1.97 9.52
C ALA A 178 -10.49 -0.71 9.19
N VAL A 179 -9.81 0.42 9.30
CA VAL A 179 -10.44 1.72 9.00
C VAL A 179 -10.80 1.75 7.53
N ASN A 180 -9.92 1.28 6.60
CA ASN A 180 -10.21 1.38 5.19
C ASN A 180 -11.39 0.52 4.75
N CYS A 181 -11.64 -0.59 5.49
CA CYS A 181 -12.79 -1.43 5.14
C CYS A 181 -14.11 -0.67 5.41
N VAL A 182 -14.13 0.35 6.23
CA VAL A 182 -15.38 1.09 6.47
C VAL A 182 -15.45 2.28 5.53
N ILE A 183 -14.43 3.16 5.65
CA ILE A 183 -14.42 4.38 4.87
C ILE A 183 -14.41 4.22 3.37
N ASN A 184 -13.58 3.36 2.75
CA ASN A 184 -13.42 3.30 1.33
C ASN A 184 -14.68 2.83 0.58
N PRO A 185 -15.24 1.69 0.91
CA PRO A 185 -16.43 1.21 0.17
C PRO A 185 -17.67 2.06 0.47
N LEU A 186 -17.90 2.50 1.69
CA LEU A 186 -19.09 3.37 1.93
C LEU A 186 -19.03 4.62 1.11
N THR A 187 -17.95 5.41 1.15
CA THR A 187 -17.77 6.57 0.33
C THR A 187 -17.90 6.27 -1.17
N ALA A 188 -17.42 5.07 -1.56
CA ALA A 188 -17.45 4.66 -2.93
C ALA A 188 -18.92 4.46 -3.38
N ILE A 189 -19.69 3.80 -2.56
CA ILE A 189 -21.06 3.43 -2.90
C ILE A 189 -22.01 4.61 -2.74
N TRP A 190 -21.67 5.52 -1.83
CA TRP A 190 -22.58 6.65 -1.66
C TRP A 190 -22.05 7.88 -2.31
N ASN A 191 -20.98 7.84 -3.03
CA ASN A 191 -20.18 8.84 -3.67
C ASN A 191 -20.21 10.19 -2.94
N CYS A 192 -19.83 10.12 -1.69
CA CYS A 192 -19.81 11.20 -0.74
C CYS A 192 -18.45 11.45 -0.12
N PRO A 193 -18.26 12.68 0.33
CA PRO A 193 -17.04 13.04 1.05
C PRO A 193 -16.91 12.23 2.30
N ASN A 194 -15.81 12.02 3.00
CA ASN A 194 -15.84 11.22 4.24
C ASN A 194 -16.82 11.61 5.32
N GLY A 195 -17.06 12.89 5.52
CA GLY A 195 -17.95 13.51 6.45
C GLY A 195 -19.38 13.04 6.44
N GLU A 196 -19.90 12.57 5.26
CA GLU A 196 -21.23 11.98 5.22
C GLU A 196 -21.44 10.83 6.12
N LEU A 197 -20.35 9.99 6.30
CA LEU A 197 -20.39 8.79 7.08
C LEU A 197 -20.79 9.08 8.53
N ARG A 198 -20.51 10.26 9.03
CA ARG A 198 -20.87 10.68 10.37
C ARG A 198 -22.36 10.49 10.57
N HIS A 199 -23.17 10.70 9.55
CA HIS A 199 -24.61 10.51 9.57
C HIS A 199 -25.05 9.05 9.53
N HIS A 200 -24.18 8.05 9.65
CA HIS A 200 -24.49 6.64 9.63
C HIS A 200 -23.75 5.81 10.67
N PRO A 201 -23.98 6.11 11.95
CA PRO A 201 -23.34 5.41 13.04
C PRO A 201 -23.75 3.96 13.19
N GLN A 202 -25.04 3.64 13.16
CA GLN A 202 -25.46 2.26 13.38
C GLN A 202 -24.85 1.26 12.42
N GLU A 203 -24.87 1.57 11.14
CA GLU A 203 -24.30 0.79 10.06
C GLU A 203 -22.78 0.61 10.16
N ILE A 204 -22.09 1.67 10.54
CA ILE A 204 -20.63 1.61 10.71
C ILE A 204 -20.31 0.61 11.80
N MET A 205 -21.10 0.58 12.88
CA MET A 205 -20.89 -0.40 13.94
C MET A 205 -20.95 -1.82 13.40
N GLN A 206 -21.95 -2.13 12.59
CA GLN A 206 -22.13 -3.45 12.02
C GLN A 206 -20.88 -3.88 11.23
N ILE A 207 -20.38 -2.95 10.40
CA ILE A 207 -19.13 -3.30 9.67
C ILE A 207 -18.01 -3.51 10.64
N CYS A 208 -17.86 -2.62 11.65
CA CYS A 208 -16.81 -2.77 12.62
C CYS A 208 -16.92 -4.05 13.44
N GLU A 209 -18.14 -4.53 13.64
CA GLU A 209 -18.31 -5.78 14.42
C GLU A 209 -17.75 -6.95 13.61
N GLU A 210 -17.96 -6.93 12.30
CA GLU A 210 -17.45 -7.97 11.41
C GLU A 210 -15.93 -7.90 11.31
N VAL A 211 -15.43 -6.66 11.16
CA VAL A 211 -13.97 -6.48 11.07
C VAL A 211 -13.28 -6.96 12.31
N ALA A 212 -13.87 -6.60 13.46
CA ALA A 212 -13.34 -6.95 14.77
C ALA A 212 -13.34 -8.46 14.97
N ALA A 213 -14.35 -9.14 14.46
CA ALA A 213 -14.42 -10.60 14.60
C ALA A 213 -13.31 -11.28 13.82
N VAL A 214 -13.00 -10.83 12.60
CA VAL A 214 -11.90 -11.45 11.87
C VAL A 214 -10.53 -11.17 12.46
N ILE A 215 -10.28 -9.94 12.94
CA ILE A 215 -8.98 -9.55 13.48
C ILE A 215 -8.62 -10.27 14.76
N GLU A 216 -9.64 -10.45 15.60
CA GLU A 216 -9.45 -11.14 16.88
C GLU A 216 -8.97 -12.56 16.64
N ARG A 217 -9.56 -13.23 15.65
CA ARG A 217 -9.18 -14.59 15.26
C ARG A 217 -7.82 -14.65 14.59
N GLU A 218 -7.35 -13.53 14.06
CA GLU A 218 -6.05 -13.41 13.42
C GLU A 218 -4.93 -13.26 14.44
N GLY A 219 -5.25 -13.03 15.70
CA GLY A 219 -4.26 -12.91 16.75
C GLY A 219 -4.02 -11.54 17.33
N HIS A 220 -4.82 -10.54 16.98
CA HIS A 220 -4.64 -9.18 17.47
C HIS A 220 -5.76 -8.73 18.39
N HIS A 221 -5.37 -7.90 19.36
CA HIS A 221 -6.29 -7.38 20.36
C HIS A 221 -6.95 -6.08 19.90
N THR A 222 -8.23 -6.17 19.60
CA THR A 222 -9.00 -4.99 19.23
C THR A 222 -10.46 -5.21 19.65
N SER A 223 -11.22 -4.14 19.70
CA SER A 223 -12.63 -4.22 20.07
C SER A 223 -13.47 -3.57 18.98
N ALA A 224 -14.69 -4.06 18.79
CA ALA A 224 -15.56 -3.45 17.78
C ALA A 224 -15.83 -1.99 18.12
N GLU A 225 -16.07 -1.73 19.40
CA GLU A 225 -16.37 -0.38 19.86
C GLU A 225 -15.17 0.55 19.70
N ASP A 226 -14.00 0.07 20.06
CA ASP A 226 -12.77 0.85 19.97
C ASP A 226 -12.51 1.23 18.51
N LEU A 227 -12.68 0.21 17.67
CA LEU A 227 -12.53 0.39 16.24
C LEU A 227 -13.54 1.39 15.71
N ARG A 228 -14.79 1.33 16.22
CA ARG A 228 -15.82 2.24 15.76
C ARG A 228 -15.49 3.69 16.15
N ASP A 229 -15.07 3.86 17.39
CA ASP A 229 -14.72 5.20 17.89
C ASP A 229 -13.60 5.86 17.11
N TYR A 230 -12.59 5.04 16.78
CA TYR A 230 -11.46 5.54 16.00
C TYR A 230 -11.84 5.93 14.59
N VAL A 231 -12.66 5.13 13.88
CA VAL A 231 -13.13 5.42 12.55
C VAL A 231 -13.91 6.73 12.53
N MET A 232 -14.76 6.88 13.55
CA MET A 232 -15.53 8.16 13.60
C MET A 232 -14.62 9.37 13.79
N GLN A 233 -13.55 9.17 14.56
CA GLN A 233 -12.55 10.24 14.79
C GLN A 233 -11.79 10.56 13.50
N VAL A 234 -11.49 9.52 12.71
CA VAL A 234 -10.86 9.75 11.42
C VAL A 234 -11.82 10.48 10.49
N ILE A 235 -13.09 10.04 10.43
CA ILE A 235 -14.10 10.70 9.60
C ILE A 235 -14.37 12.17 9.84
N ASP A 236 -14.21 12.61 11.09
CA ASP A 236 -14.36 13.95 11.60
C ASP A 236 -13.18 14.77 11.15
N ALA A 237 -11.99 14.19 11.28
CA ALA A 237 -10.75 14.87 10.94
C ALA A 237 -10.51 15.01 9.47
N THR A 238 -11.12 14.12 8.68
CA THR A 238 -10.98 14.18 7.22
C THR A 238 -12.31 14.44 6.51
N ALA A 239 -13.20 15.15 7.18
CA ALA A 239 -14.56 15.37 6.76
C ALA A 239 -14.79 15.78 5.31
N GLU A 240 -13.99 16.69 4.83
CA GLU A 240 -14.11 17.20 3.47
C GLU A 240 -13.38 16.39 2.43
N ASN A 241 -12.47 15.49 2.78
CA ASN A 241 -11.75 14.70 1.80
C ASN A 241 -12.58 13.67 1.02
N ILE A 242 -12.04 13.35 -0.13
CA ILE A 242 -12.54 12.29 -1.00
C ILE A 242 -11.61 11.11 -0.78
N SER A 243 -12.14 9.94 -0.41
CA SER A 243 -11.26 8.80 -0.16
C SER A 243 -10.45 8.34 -1.36
N SER A 244 -9.43 7.49 -1.09
CA SER A 244 -8.63 6.93 -2.18
C SER A 244 -9.51 6.05 -3.09
N MET A 245 -10.42 5.29 -2.51
CA MET A 245 -11.32 4.42 -3.29
C MET A 245 -12.35 5.19 -4.10
N LEU A 246 -12.92 6.23 -3.54
CA LEU A 246 -13.91 7.05 -4.25
C LEU A 246 -13.19 7.74 -5.40
N GLN A 247 -11.96 8.17 -5.13
CA GLN A 247 -11.11 8.79 -6.13
C GLN A 247 -10.88 7.90 -7.33
N ASP A 248 -10.67 6.61 -7.07
CA ASP A 248 -10.51 5.63 -8.13
C ASP A 248 -11.84 5.53 -8.89
N ILE A 249 -12.93 5.38 -8.15
CA ILE A 249 -14.26 5.26 -8.75
C ILE A 249 -14.52 6.44 -9.68
N ARG A 250 -14.45 7.65 -9.17
CA ARG A 250 -14.69 8.86 -9.95
C ARG A 250 -13.83 8.94 -11.18
N ALA A 251 -12.63 8.36 -11.20
CA ALA A 251 -11.77 8.34 -12.37
C ALA A 251 -11.90 7.03 -13.14
N LEU A 252 -12.77 6.13 -12.70
CA LEU A 252 -12.93 4.82 -13.31
C LEU A 252 -11.60 4.05 -13.40
N ARG A 253 -10.77 4.10 -12.36
CA ARG A 253 -9.53 3.33 -12.37
C ARG A 253 -9.91 2.07 -11.59
N HIS A 254 -9.23 0.97 -11.82
CA HIS A 254 -9.54 -0.22 -11.01
C HIS A 254 -9.34 0.12 -9.53
N THR A 255 -10.06 -0.50 -8.60
CA THR A 255 -9.92 -0.19 -7.20
C THR A 255 -9.00 -1.20 -6.48
N GLU A 256 -8.63 -0.92 -5.24
CA GLU A 256 -7.83 -1.84 -4.45
C GLU A 256 -8.77 -2.64 -3.55
N ILE A 257 -10.06 -2.68 -3.85
CA ILE A 257 -11.03 -3.40 -3.01
C ILE A 257 -10.73 -4.87 -2.83
N ASP A 258 -10.06 -5.57 -3.78
CA ASP A 258 -9.77 -6.97 -3.62
C ASP A 258 -8.77 -7.30 -2.51
N TYR A 259 -8.05 -6.24 -2.10
CA TYR A 259 -7.03 -6.27 -1.07
C TYR A 259 -7.39 -5.48 0.17
N ILE A 260 -8.69 -5.04 0.25
CA ILE A 260 -9.15 -4.33 1.46
C ILE A 260 -10.33 -5.15 1.95
N ASN A 261 -11.56 -4.95 1.49
CA ASN A 261 -12.61 -5.81 2.08
C ASN A 261 -12.56 -7.19 1.40
N GLY A 262 -11.99 -7.30 0.23
CA GLY A 262 -11.79 -8.61 -0.35
C GLY A 262 -10.86 -9.46 0.48
N PHE A 263 -9.79 -8.91 1.08
CA PHE A 263 -8.91 -9.67 1.95
C PHE A 263 -9.67 -10.06 3.20
N LEU A 264 -10.49 -9.14 3.79
CA LEU A 264 -11.23 -9.50 5.01
C LEU A 264 -12.17 -10.69 4.72
N LEU A 265 -12.78 -10.66 3.56
CA LEU A 265 -13.69 -11.75 3.18
C LEU A 265 -12.91 -13.09 3.09
N ARG A 266 -11.75 -13.02 2.41
CA ARG A 266 -10.91 -14.22 2.29
C ARG A 266 -10.47 -14.76 3.64
N ARG A 267 -10.06 -13.93 4.60
CA ARG A 267 -9.63 -14.35 5.91
C ARG A 267 -10.83 -14.79 6.77
N ALA A 268 -11.95 -14.11 6.53
CA ALA A 268 -13.20 -14.45 7.25
C ALA A 268 -13.62 -15.88 6.90
N ARG A 269 -13.47 -16.15 5.60
CA ARG A 269 -13.75 -17.41 4.99
C ARG A 269 -12.87 -18.51 5.56
N ALA A 270 -11.59 -18.25 5.75
CA ALA A 270 -10.66 -19.22 6.30
C ALA A 270 -10.93 -19.51 7.77
N HIS A 271 -11.48 -18.57 8.51
CA HIS A 271 -11.78 -18.73 9.91
C HIS A 271 -13.25 -19.09 10.14
N GLY A 272 -14.06 -18.94 9.09
CA GLY A 272 -15.49 -19.20 9.16
C GLY A 272 -16.20 -18.16 10.02
N ILE A 273 -16.15 -16.89 9.60
CA ILE A 273 -16.78 -15.79 10.31
C ILE A 273 -17.80 -15.12 9.43
N ALA A 274 -18.99 -14.85 9.94
CA ALA A 274 -20.05 -14.22 9.15
C ALA A 274 -19.70 -12.79 8.79
N VAL A 275 -19.69 -12.46 7.49
CA VAL A 275 -19.41 -11.09 7.07
C VAL A 275 -20.34 -10.61 5.98
N PRO A 276 -21.65 -10.50 6.29
CA PRO A 276 -22.65 -10.11 5.32
C PRO A 276 -22.58 -8.67 4.87
N GLU A 277 -22.32 -7.74 5.78
CA GLU A 277 -22.21 -6.33 5.38
C GLU A 277 -21.00 -6.12 4.50
N ASN A 278 -19.86 -6.69 4.93
CA ASN A 278 -18.63 -6.59 4.08
C ASN A 278 -18.75 -7.24 2.73
N THR A 279 -19.42 -8.40 2.64
CA THR A 279 -19.69 -9.03 1.34
C THR A 279 -20.59 -8.19 0.46
N ARG A 280 -21.72 -7.67 1.00
CA ARG A 280 -22.56 -6.78 0.20
C ARG A 280 -21.79 -5.61 -0.38
N LEU A 281 -21.01 -4.88 0.46
CA LEU A 281 -20.25 -3.74 0.00
C LEU A 281 -19.20 -4.14 -1.03
N PHE A 282 -18.52 -5.24 -0.76
CA PHE A 282 -17.50 -5.71 -1.72
C PHE A 282 -18.13 -5.98 -3.09
N GLU A 283 -19.24 -6.72 -3.10
CA GLU A 283 -19.91 -7.04 -4.36
C GLU A 283 -20.44 -5.80 -5.07
N MET A 284 -21.00 -4.85 -4.32
CA MET A 284 -21.45 -3.60 -4.89
C MET A 284 -20.37 -2.83 -5.61
N VAL A 285 -19.19 -2.58 -4.98
CA VAL A 285 -18.07 -1.89 -5.55
C VAL A 285 -17.58 -2.63 -6.83
N LYS A 286 -17.49 -3.92 -6.79
CA LYS A 286 -17.09 -4.74 -7.95
C LYS A 286 -18.06 -4.53 -9.13
N ARG A 287 -19.35 -4.42 -8.86
CA ARG A 287 -20.33 -4.17 -9.93
C ARG A 287 -20.12 -2.78 -10.50
N LYS A 288 -19.82 -1.74 -9.68
CA LYS A 288 -19.51 -0.43 -10.17
C LYS A 288 -18.26 -0.38 -11.05
N GLU A 289 -17.23 -1.16 -10.72
CA GLU A 289 -15.98 -1.19 -11.47
C GLU A 289 -16.21 -1.73 -12.89
N SER A 290 -17.02 -2.78 -12.94
CA SER A 290 -17.38 -3.32 -14.25
C SER A 290 -18.24 -2.28 -14.98
N GLU A 291 -19.10 -1.61 -14.24
CA GLU A 291 -20.01 -0.58 -14.65
C GLU A 291 -21.46 -1.08 -14.62
#